data_5VQH
#
_entry.id   5VQH
#
_cell.length_a   66.030
_cell.length_b   66.030
_cell.length_c   224.480
_cell.angle_alpha   90.00
_cell.angle_beta   90.00
_cell.angle_gamma   90.00
#
_symmetry.space_group_name_H-M   'P 43 21 2'
#
loop_
_entity.id
_entity.type
_entity.pdbx_description
1 polymer 'Tudor and KH domain-containing protein homolog'
2 non-polymer 'N3, N4-DIMETHYLARGININE'
3 water water
#
_entity_poly.entity_id   1
_entity_poly.type   'polypeptide(L)'
_entity_poly.pdbx_seq_one_letter_code
;MGSSHHHHHHENLYFQSNAGPSIEVYVSAVSSPSRFWVQFVGPQVAQLDDLVAHMTEYYSKKENREAHTLRHVSVGQVVA
AVFRHDGRWYRARVHDIRPNEFDSSQQVADVFYLDYGDSEYVATHELCELRADLLRLRFQAMECFLAGVRPASGEEAVSP
SGQRWDKWHPQAVERFEELTQVARWKALVSRTCTYKKTATAEGEKDKEIPGIKLFDVTDEGELDVGAVLVAEGWAVA
;
_entity_poly.pdbx_strand_id   A,B
#
# COMPACT_ATOMS: atom_id res chain seq x y z
N ASN A 12 -10.83 -31.07 7.50
CA ASN A 12 -10.32 -29.82 6.84
C ASN A 12 -11.36 -29.17 5.93
N LEU A 13 -11.92 -29.96 4.99
CA LEU A 13 -12.75 -29.43 3.88
C LEU A 13 -14.02 -30.27 3.56
N TYR A 14 -15.16 -29.61 3.38
CA TYR A 14 -16.49 -30.27 3.27
C TYR A 14 -17.24 -29.87 1.99
N PHE A 15 -18.01 -30.81 1.45
CA PHE A 15 -18.84 -30.56 0.25
C PHE A 15 -20.23 -30.08 0.62
N GLN A 16 -20.84 -29.40 -0.34
CA GLN A 16 -22.05 -28.66 -0.10
C GLN A 16 -23.10 -29.10 -1.10
N SER A 17 -23.92 -30.07 -0.67
CA SER A 17 -24.98 -30.65 -1.48
C SER A 17 -26.21 -29.75 -1.61
N ASN A 18 -26.26 -28.64 -0.87
CA ASN A 18 -27.40 -27.69 -0.92
C ASN A 18 -27.00 -26.23 -1.12
N ALA A 19 -26.18 -25.99 -2.15
CA ALA A 19 -25.89 -24.64 -2.59
C ALA A 19 -27.19 -23.90 -3.01
N GLY A 20 -27.30 -22.61 -2.67
CA GLY A 20 -28.39 -21.77 -3.20
C GLY A 20 -28.17 -21.40 -4.67
N PRO A 21 -28.93 -20.43 -5.19
CA PRO A 21 -28.56 -19.86 -6.49
C PRO A 21 -27.24 -19.08 -6.43
N SER A 22 -26.58 -18.99 -7.56
CA SER A 22 -25.40 -18.25 -7.67
C SER A 22 -25.74 -16.77 -7.50
N ILE A 23 -24.74 -15.99 -7.09
CA ILE A 23 -24.91 -14.54 -6.92
C ILE A 23 -23.81 -13.75 -7.59
N GLU A 24 -23.99 -12.44 -7.60
CA GLU A 24 -23.04 -11.58 -8.21
C GLU A 24 -22.18 -10.85 -7.15
N VAL A 25 -20.88 -10.80 -7.42
CA VAL A 25 -19.88 -10.29 -6.49
C VAL A 25 -18.81 -9.54 -7.26
N TYR A 26 -18.11 -8.62 -6.58
CA TYR A 26 -16.83 -8.05 -7.07
C TYR A 26 -15.74 -8.68 -6.21
N VAL A 27 -14.63 -9.08 -6.83
CA VAL A 27 -13.44 -9.48 -6.08
C VAL A 27 -12.71 -8.21 -5.71
N SER A 28 -12.56 -8.02 -4.41
CA SER A 28 -12.15 -6.72 -3.92
C SER A 28 -10.70 -6.75 -3.51
N ALA A 29 -10.23 -7.91 -3.07
CA ALA A 29 -8.82 -8.12 -2.79
C ALA A 29 -8.49 -9.56 -2.95
N VAL A 30 -7.21 -9.82 -3.22
CA VAL A 30 -6.71 -11.17 -3.40
C VAL A 30 -5.42 -11.26 -2.65
N SER A 31 -5.23 -12.37 -1.98
CA SER A 31 -3.94 -12.76 -1.46
C SER A 31 -3.47 -13.92 -2.35
N SER A 32 -4.34 -14.90 -2.55
CA SER A 32 -4.12 -15.97 -3.48
C SER A 32 -5.44 -16.65 -3.72
N PRO A 33 -5.51 -17.59 -4.65
CA PRO A 33 -6.76 -18.31 -4.90
C PRO A 33 -7.30 -19.07 -3.70
N SER A 34 -6.43 -19.33 -2.74
CA SER A 34 -6.86 -19.95 -1.51
C SER A 34 -7.43 -18.94 -0.51
N ARG A 35 -7.35 -17.65 -0.80
CA ARG A 35 -7.67 -16.62 0.16
C ARG A 35 -7.88 -15.29 -0.53
N PHE A 36 -9.15 -14.97 -0.76
CA PHE A 36 -9.54 -13.69 -1.32
C PHE A 36 -10.83 -13.19 -0.71
N TRP A 37 -11.20 -11.96 -1.07
CA TRP A 37 -12.32 -11.27 -0.49
C TRP A 37 -13.31 -10.81 -1.57
N VAL A 38 -14.60 -11.04 -1.36
CA VAL A 38 -15.60 -10.50 -2.28
C VAL A 38 -16.54 -9.55 -1.57
N GLN A 39 -17.14 -8.66 -2.36
CA GLN A 39 -18.22 -7.78 -1.94
C GLN A 39 -19.44 -8.16 -2.77
N PHE A 40 -20.60 -8.13 -2.16
CA PHE A 40 -21.85 -8.54 -2.82
C PHE A 40 -22.33 -7.35 -3.62
N VAL A 41 -22.75 -7.63 -4.85
CA VAL A 41 -23.24 -6.59 -5.73
C VAL A 41 -24.59 -6.25 -5.24
N GLY A 42 -24.84 -4.96 -5.08
CA GLY A 42 -26.11 -4.53 -4.51
C GLY A 42 -26.00 -3.21 -3.83
N PRO A 43 -27.08 -2.80 -3.13
CA PRO A 43 -27.20 -1.42 -2.68
C PRO A 43 -26.19 -0.98 -1.61
N GLN A 44 -25.58 -1.93 -0.89
CA GLN A 44 -24.55 -1.57 0.08
C GLN A 44 -23.23 -1.10 -0.57
N VAL A 45 -23.05 -1.34 -1.86
CA VAL A 45 -21.87 -0.88 -2.51
C VAL A 45 -21.90 0.63 -2.59
N ALA A 46 -23.04 1.18 -2.95
CA ALA A 46 -23.19 2.63 -3.07
C ALA A 46 -23.19 3.25 -1.67
N GLN A 47 -23.73 2.54 -0.69
CA GLN A 47 -23.63 2.96 0.68
C GLN A 47 -22.16 3.03 1.12
N LEU A 48 -21.36 2.05 0.69
CA LEU A 48 -19.92 2.02 0.92
C LEU A 48 -19.25 3.19 0.30
N ASP A 49 -19.45 3.37 -1.00
CA ASP A 49 -18.99 4.58 -1.71
C ASP A 49 -19.27 5.86 -0.92
N ASP A 50 -20.47 5.98 -0.37
CA ASP A 50 -20.84 7.20 0.31
C ASP A 50 -20.08 7.33 1.60
N LEU A 51 -19.90 6.18 2.25
CA LEU A 51 -19.17 6.12 3.51
C LEU A 51 -17.70 6.50 3.33
N VAL A 52 -17.06 6.05 2.27
CA VAL A 52 -15.65 6.38 2.04
C VAL A 52 -15.51 7.87 1.85
N ALA A 53 -16.37 8.46 1.05
CA ALA A 53 -16.39 9.90 0.78
C ALA A 53 -16.62 10.68 2.05
N HIS A 54 -17.56 10.24 2.85
CA HIS A 54 -17.82 10.92 4.09
C HIS A 54 -16.61 10.83 5.06
N MET A 55 -16.10 9.61 5.24
CA MET A 55 -15.00 9.43 6.16
C MET A 55 -13.84 10.24 5.65
N THR A 56 -13.67 10.23 4.35
CA THR A 56 -12.55 10.93 3.79
C THR A 56 -12.68 12.45 3.92
N GLU A 57 -13.86 13.03 3.71
CA GLU A 57 -14.01 14.48 3.89
C GLU A 57 -13.74 14.82 5.37
N TYR A 58 -14.24 13.98 6.26
CA TYR A 58 -14.23 14.24 7.70
C TYR A 58 -12.81 14.13 8.29
N TYR A 59 -12.22 12.96 8.14
CA TYR A 59 -10.89 12.71 8.73
C TYR A 59 -9.77 13.49 7.98
N SER A 60 -10.12 14.21 6.94
CA SER A 60 -9.13 14.97 6.21
C SER A 60 -8.96 16.34 6.84
N LYS A 61 -9.82 16.67 7.79
CA LYS A 61 -9.63 17.86 8.58
C LYS A 61 -8.94 17.57 9.90
N LYS A 62 -7.92 18.37 10.18
CA LYS A 62 -7.16 18.34 11.44
C LYS A 62 -8.07 18.42 12.67
N GLU A 63 -8.99 19.37 12.68
CA GLU A 63 -9.88 19.53 13.84
C GLU A 63 -10.51 18.17 14.21
N ASN A 64 -10.94 17.43 13.19
CA ASN A 64 -11.64 16.16 13.39
C ASN A 64 -10.70 15.04 13.78
N ARG A 65 -9.55 14.95 13.14
CA ARG A 65 -8.54 14.03 13.64
C ARG A 65 -8.26 14.22 15.16
N GLU A 66 -8.07 15.46 15.60
CA GLU A 66 -7.74 15.75 17.01
C GLU A 66 -8.85 15.39 17.98
N ALA A 67 -10.10 15.48 17.52
CA ALA A 67 -11.23 15.02 18.33
C ALA A 67 -11.40 13.50 18.25
N HIS A 68 -10.55 12.82 17.49
CA HIS A 68 -10.58 11.36 17.44
C HIS A 68 -9.16 10.78 17.41
N THR A 69 -8.27 11.45 18.16
CA THR A 69 -6.93 10.97 18.41
C THR A 69 -6.98 9.71 19.26
N LEU A 70 -6.21 8.70 18.84
CA LEU A 70 -6.08 7.45 19.60
C LEU A 70 -4.99 7.62 20.63
N ARG A 71 -5.34 7.55 21.92
CA ARG A 71 -4.30 7.57 22.94
C ARG A 71 -3.83 6.15 23.21
N HIS A 72 -4.71 5.16 23.02
CA HIS A 72 -4.36 3.77 23.08
C HIS A 72 -4.94 2.99 21.89
N VAL A 73 -4.17 2.03 21.40
CA VAL A 73 -4.61 1.17 20.33
C VAL A 73 -4.36 -0.30 20.66
N SER A 74 -5.33 -1.14 20.36
CA SER A 74 -5.32 -2.56 20.72
C SER A 74 -5.50 -3.44 19.48
N VAL A 75 -4.94 -4.62 19.52
CA VAL A 75 -5.12 -5.56 18.46
C VAL A 75 -6.59 -5.90 18.48
N GLY A 76 -7.17 -6.01 17.29
CA GLY A 76 -8.57 -6.35 17.16
C GLY A 76 -9.45 -5.14 17.17
N GLN A 77 -8.87 -3.96 17.37
CA GLN A 77 -9.63 -2.71 17.45
C GLN A 77 -9.99 -2.23 16.07
N VAL A 78 -11.23 -1.76 15.90
CA VAL A 78 -11.67 -1.12 14.65
C VAL A 78 -11.43 0.39 14.69
N VAL A 79 -10.76 0.91 13.66
CA VAL A 79 -10.26 2.28 13.60
C VAL A 79 -10.46 2.94 12.22
N ALA A 80 -10.12 4.21 12.12
CA ALA A 80 -10.10 4.89 10.85
C ALA A 80 -8.67 4.86 10.37
N ALA A 81 -8.44 4.54 9.09
CA ALA A 81 -7.08 4.45 8.55
C ALA A 81 -6.98 4.86 7.09
N VAL A 82 -5.94 5.59 6.76
CA VAL A 82 -5.70 5.97 5.41
C VAL A 82 -5.19 4.73 4.69
N PHE A 83 -5.52 4.62 3.43
CA PHE A 83 -4.97 3.61 2.54
C PHE A 83 -3.88 4.31 1.73
N ARG A 84 -2.66 3.82 1.79
CA ARG A 84 -1.54 4.56 1.22
C ARG A 84 -1.68 4.83 -0.28
N HIS A 85 -2.26 3.90 -1.03
CA HIS A 85 -2.36 4.09 -2.48
C HIS A 85 -3.36 5.11 -2.99
N ASP A 86 -4.32 5.56 -2.20
CA ASP A 86 -5.19 6.67 -2.64
C ASP A 86 -5.36 7.83 -1.65
N GLY A 87 -4.77 7.70 -0.47
CA GLY A 87 -4.93 8.73 0.55
C GLY A 87 -6.34 8.93 1.08
N ARG A 88 -7.24 7.97 0.92
CA ARG A 88 -8.60 8.06 1.49
C ARG A 88 -8.75 7.24 2.80
N TRP A 89 -9.80 7.53 3.56
CA TRP A 89 -10.00 6.93 4.88
C TRP A 89 -10.95 5.75 4.84
N TYR A 90 -10.56 4.71 5.58
CA TYR A 90 -11.26 3.42 5.55
C TYR A 90 -11.39 2.84 6.97
N ARG A 91 -12.30 1.91 7.10
CA ARG A 91 -12.49 1.21 8.32
C ARG A 91 -11.57 0.02 8.24
N ALA A 92 -10.73 -0.14 9.27
CA ALA A 92 -9.80 -1.24 9.32
C ALA A 92 -9.75 -1.82 10.72
N ARG A 93 -9.30 -3.06 10.83
CA ARG A 93 -9.11 -3.73 12.12
C ARG A 93 -7.60 -3.92 12.32
N VAL A 94 -7.09 -3.54 13.49
CA VAL A 94 -5.69 -3.70 13.78
C VAL A 94 -5.44 -5.19 13.95
N HIS A 95 -4.61 -5.78 13.08
CA HIS A 95 -4.36 -7.21 13.17
C HIS A 95 -3.14 -7.51 14.01
N ASP A 96 -2.13 -6.65 13.93
CA ASP A 96 -0.96 -6.79 14.76
C ASP A 96 -0.23 -5.45 14.88
N ILE A 97 0.66 -5.35 15.86
CA ILE A 97 1.50 -4.19 16.02
C ILE A 97 2.96 -4.64 16.06
N ARG A 98 3.80 -4.03 15.25
CA ARG A 98 5.21 -4.41 15.28
C ARG A 98 6.13 -3.17 15.50
N PRO A 99 7.26 -3.37 16.16
CA PRO A 99 8.14 -2.25 16.44
C PRO A 99 8.85 -1.77 15.20
N ASN A 100 9.37 -0.55 15.28
CA ASN A 100 10.37 -0.04 14.35
C ASN A 100 11.63 0.32 15.15
N GLU A 101 12.71 -0.43 14.95
CA GLU A 101 13.94 -0.23 15.72
C GLU A 101 14.78 0.97 15.31
N PHE A 102 14.40 1.66 14.23
CA PHE A 102 15.12 2.85 13.77
C PHE A 102 14.34 4.10 14.07
N ASP A 103 13.09 3.93 14.47
CA ASP A 103 12.29 5.05 14.91
C ASP A 103 11.37 4.66 16.08
N SER A 104 11.65 5.20 17.27
CA SER A 104 10.95 4.75 18.47
C SER A 104 9.57 5.39 18.60
N SER A 105 9.40 6.52 17.92
CA SER A 105 8.11 7.22 17.87
C SER A 105 7.06 6.51 17.01
N GLN A 106 7.44 5.39 16.41
CA GLN A 106 6.60 4.75 15.40
C GLN A 106 6.55 3.26 15.51
N GLN A 107 5.53 2.78 16.20
CA GLN A 107 5.11 1.43 15.95
C GLN A 107 4.32 1.46 14.67
N VAL A 108 4.25 0.29 14.05
CA VAL A 108 3.56 0.15 12.81
C VAL A 108 2.50 -0.95 13.02
N ALA A 109 1.30 -0.69 12.52
CA ALA A 109 0.19 -1.62 12.72
C ALA A 109 -0.14 -2.32 11.41
N ASP A 110 -0.32 -3.62 11.47
CA ASP A 110 -0.74 -4.39 10.34
C ASP A 110 -2.24 -4.24 10.42
N VAL A 111 -2.85 -3.53 9.46
CA VAL A 111 -4.32 -3.33 9.42
C VAL A 111 -5.03 -4.01 8.25
N PHE A 112 -6.21 -4.52 8.55
CA PHE A 112 -7.07 -5.21 7.59
C PHE A 112 -8.23 -4.29 7.24
N TYR A 113 -8.26 -3.82 5.99
CA TYR A 113 -9.32 -2.95 5.48
C TYR A 113 -10.61 -3.75 5.31
N LEU A 114 -11.53 -3.49 6.23
CA LEU A 114 -12.69 -4.37 6.49
C LEU A 114 -13.73 -4.47 5.37
N ASP A 115 -13.85 -3.43 4.56
CA ASP A 115 -14.75 -3.37 3.40
C ASP A 115 -14.14 -3.86 2.06
N TYR A 116 -12.90 -4.32 2.09
CA TYR A 116 -12.13 -4.58 0.89
C TYR A 116 -11.33 -5.86 1.00
N GLY A 117 -10.61 -6.02 2.12
CA GLY A 117 -9.96 -7.29 2.45
C GLY A 117 -8.45 -7.26 2.31
N ASP A 118 -7.92 -6.18 1.80
CA ASP A 118 -6.48 -6.06 1.80
C ASP A 118 -5.93 -5.59 3.13
N SER A 119 -4.62 -5.81 3.28
CA SER A 119 -3.90 -5.54 4.51
C SER A 119 -2.65 -4.72 4.17
N GLU A 120 -2.41 -3.64 4.92
CA GLU A 120 -1.24 -2.82 4.81
C GLU A 120 -0.68 -2.49 6.20
N TYR A 121 0.58 -2.09 6.25
CA TYR A 121 1.27 -1.73 7.47
C TYR A 121 1.19 -0.22 7.51
N VAL A 122 0.56 0.31 8.56
CA VAL A 122 0.35 1.73 8.71
C VAL A 122 0.98 2.12 10.03
N ALA A 123 1.62 3.27 10.05
CA ALA A 123 2.21 3.77 11.27
C ALA A 123 1.06 4.07 12.19
N THR A 124 1.20 3.71 13.44
CA THR A 124 0.11 3.93 14.36
C THR A 124 -0.17 5.40 14.56
N HIS A 125 0.79 6.25 14.25
CA HIS A 125 0.64 7.70 14.42
C HIS A 125 -0.54 8.25 13.61
N GLU A 126 -0.84 7.65 12.47
CA GLU A 126 -1.80 8.25 11.56
C GLU A 126 -3.17 7.57 11.60
N LEU A 127 -3.38 6.63 12.52
CA LEU A 127 -4.73 6.07 12.77
C LEU A 127 -5.57 7.01 13.65
N CYS A 128 -6.88 6.94 13.51
CA CYS A 128 -7.79 7.74 14.30
C CYS A 128 -8.85 6.87 14.90
N GLU A 129 -9.50 7.34 15.95
CA GLU A 129 -10.63 6.63 16.48
C GLU A 129 -11.76 6.72 15.45
N LEU A 130 -12.40 5.59 15.23
CA LEU A 130 -13.59 5.52 14.39
C LEU A 130 -14.85 5.96 15.15
N ARG A 131 -15.45 7.07 14.74
CA ARG A 131 -16.75 7.52 15.22
C ARG A 131 -17.80 6.41 15.15
N ALA A 132 -18.54 6.23 16.22
CA ALA A 132 -19.38 5.04 16.38
C ALA A 132 -20.46 4.86 15.29
N ASP A 133 -21.01 5.95 14.77
CA ASP A 133 -22.04 5.80 13.73
C ASP A 133 -21.49 5.24 12.41
N LEU A 134 -20.18 5.34 12.22
CA LEU A 134 -19.57 4.78 11.04
C LEU A 134 -19.51 3.24 11.05
N LEU A 135 -19.86 2.62 12.17
CA LEU A 135 -19.94 1.16 12.21
C LEU A 135 -21.27 0.58 11.68
N ARG A 136 -22.22 1.44 11.37
CA ARG A 136 -23.53 0.96 11.02
C ARG A 136 -23.51 0.03 9.82
N LEU A 137 -22.89 0.44 8.73
CA LEU A 137 -22.88 -0.38 7.55
C LEU A 137 -22.06 -1.66 7.75
N ARG A 138 -22.62 -2.77 7.31
CA ARG A 138 -22.00 -4.09 7.49
C ARG A 138 -20.60 -4.07 6.90
N PHE A 139 -19.70 -4.85 7.47
CA PHE A 139 -18.35 -4.92 6.88
C PHE A 139 -18.43 -5.66 5.55
N GLN A 140 -18.05 -4.99 4.48
CA GLN A 140 -18.36 -5.46 3.12
C GLN A 140 -17.55 -6.61 2.58
N ALA A 141 -16.37 -6.90 3.16
CA ALA A 141 -15.46 -7.93 2.60
C ALA A 141 -15.71 -9.31 3.17
N MET A 142 -16.03 -10.31 2.35
CA MET A 142 -16.24 -11.70 2.78
CA MET A 142 -16.23 -11.71 2.80
C MET A 142 -15.06 -12.57 2.31
N GLU A 143 -14.35 -13.18 3.23
CA GLU A 143 -13.27 -14.09 2.83
C GLU A 143 -13.77 -15.30 2.00
N CYS A 144 -13.09 -15.66 0.95
CA CYS A 144 -13.40 -16.88 0.23
C CYS A 144 -12.15 -17.66 -0.20
N PHE A 145 -12.38 -18.83 -0.75
CA PHE A 145 -11.34 -19.54 -1.47
C PHE A 145 -12.00 -20.19 -2.66
N LEU A 146 -11.19 -20.60 -3.62
CA LEU A 146 -11.70 -21.04 -4.91
C LEU A 146 -11.88 -22.51 -4.81
N ALA A 147 -13.03 -23.02 -5.20
CA ALA A 147 -13.29 -24.43 -5.05
C ALA A 147 -12.74 -25.20 -6.21
N GLY A 148 -12.38 -26.43 -5.93
CA GLY A 148 -12.07 -27.37 -6.98
C GLY A 148 -10.70 -27.26 -7.58
N VAL A 149 -9.82 -26.43 -7.00
CA VAL A 149 -8.45 -26.32 -7.52
C VAL A 149 -7.45 -26.40 -6.37
N ARG A 150 -6.25 -26.88 -6.66
CA ARG A 150 -5.14 -26.72 -5.72
C ARG A 150 -3.91 -26.37 -6.54
N PRO A 151 -2.88 -25.81 -5.88
CA PRO A 151 -1.71 -25.39 -6.65
C PRO A 151 -0.96 -26.55 -7.30
N ALA A 152 -0.39 -26.27 -8.46
CA ALA A 152 0.36 -27.25 -9.23
C ALA A 152 1.78 -27.41 -8.68
N SER A 153 2.15 -28.66 -8.40
CA SER A 153 3.37 -28.98 -7.66
C SER A 153 4.62 -28.30 -8.22
N ASP A 166 0.21 -18.70 -1.40
CA ASP A 166 -0.09 -19.67 -0.32
C ASP A 166 0.19 -21.12 -0.78
N LYS A 167 1.44 -21.33 -1.24
CA LYS A 167 1.88 -22.52 -1.96
C LYS A 167 1.56 -22.38 -3.47
N TRP A 168 0.81 -21.34 -3.81
CA TRP A 168 0.57 -20.94 -5.17
C TRP A 168 1.80 -20.28 -5.70
N HIS A 169 2.08 -20.53 -6.97
CA HIS A 169 3.12 -19.82 -7.67
C HIS A 169 2.67 -18.38 -7.88
N PRO A 170 3.58 -17.40 -7.68
CA PRO A 170 3.27 -15.97 -7.86
C PRO A 170 2.53 -15.57 -9.15
N GLN A 171 2.81 -16.22 -10.25
CA GLN A 171 2.17 -15.91 -11.51
C GLN A 171 0.80 -16.52 -11.67
N ALA A 172 0.54 -17.60 -10.91
CA ALA A 172 -0.79 -18.16 -10.73
C ALA A 172 -1.63 -17.10 -10.06
N VAL A 173 -1.12 -16.56 -8.94
CA VAL A 173 -1.80 -15.53 -8.21
C VAL A 173 -2.03 -14.36 -9.12
N GLU A 174 -1.02 -14.00 -9.89
CA GLU A 174 -1.13 -12.85 -10.79
C GLU A 174 -2.26 -13.00 -11.82
N ARG A 175 -2.35 -14.19 -12.37
CA ARG A 175 -3.29 -14.50 -13.41
C ARG A 175 -4.74 -14.55 -12.84
N PHE A 176 -4.84 -15.04 -11.61
CA PHE A 176 -6.06 -15.01 -10.88
C PHE A 176 -6.47 -13.56 -10.64
N GLU A 177 -5.51 -12.66 -10.43
CA GLU A 177 -5.89 -11.26 -10.29
C GLU A 177 -6.36 -10.68 -11.61
N GLU A 178 -5.88 -11.19 -12.72
CA GLU A 178 -6.27 -10.65 -14.02
C GLU A 178 -7.66 -11.17 -14.34
N LEU A 179 -7.85 -12.47 -14.16
CA LEU A 179 -9.11 -13.09 -14.51
C LEU A 179 -10.27 -12.52 -13.69
N THR A 180 -10.05 -12.26 -12.40
CA THR A 180 -11.09 -11.64 -11.53
C THR A 180 -11.13 -10.15 -11.67
N GLN A 181 -10.13 -9.56 -12.33
CA GLN A 181 -10.01 -8.09 -12.38
C GLN A 181 -10.20 -7.49 -11.00
N VAL A 182 -9.44 -8.02 -10.06
CA VAL A 182 -9.47 -7.57 -8.68
C VAL A 182 -9.42 -6.06 -8.59
N ALA A 183 -10.24 -5.50 -7.70
CA ALA A 183 -10.28 -4.07 -7.43
C ALA A 183 -10.70 -3.16 -8.59
N ARG A 184 -11.31 -3.72 -9.63
CA ARG A 184 -11.72 -2.94 -10.80
C ARG A 184 -13.24 -2.92 -10.95
N TRP A 185 -13.96 -3.24 -9.89
CA TRP A 185 -15.41 -3.36 -9.97
C TRP A 185 -15.92 -4.10 -11.23
N LYS A 186 -15.40 -5.29 -11.45
CA LYS A 186 -15.97 -6.20 -12.42
C LYS A 186 -16.88 -7.26 -11.74
N ALA A 187 -18.18 -7.18 -12.00
CA ALA A 187 -19.14 -8.11 -11.44
C ALA A 187 -18.94 -9.52 -12.01
N LEU A 188 -18.99 -10.51 -11.13
CA LEU A 188 -18.81 -11.90 -11.54
C LEU A 188 -19.91 -12.71 -10.87
N VAL A 189 -20.14 -13.91 -11.37
CA VAL A 189 -21.09 -14.82 -10.78
C VAL A 189 -20.34 -15.76 -9.91
N SER A 190 -20.83 -15.95 -8.68
CA SER A 190 -20.24 -16.82 -7.69
C SER A 190 -21.14 -17.95 -7.28
N ARG A 191 -20.68 -19.19 -7.37
CA ARG A 191 -21.47 -20.34 -6.91
C ARG A 191 -20.71 -20.93 -5.79
N THR A 192 -21.37 -21.17 -4.68
CA THR A 192 -20.73 -21.86 -3.58
C THR A 192 -20.79 -23.41 -3.74
N CYS A 193 -19.64 -24.09 -3.56
CA CYS A 193 -19.48 -25.55 -3.74
C CYS A 193 -18.94 -26.35 -2.55
N THR A 194 -18.12 -25.71 -1.71
CA THR A 194 -17.46 -26.37 -0.60
C THR A 194 -17.36 -25.34 0.48
N TYR A 195 -16.69 -25.67 1.58
CA TYR A 195 -16.36 -24.70 2.59
C TYR A 195 -15.34 -25.29 3.54
N LYS A 196 -14.77 -24.44 4.36
CA LYS A 196 -13.93 -24.91 5.41
C LYS A 196 -14.36 -24.28 6.71
N LYS A 197 -14.26 -25.04 7.79
CA LYS A 197 -14.82 -24.55 9.03
C LYS A 197 -13.72 -23.77 9.70
N THR A 198 -14.11 -22.67 10.35
CA THR A 198 -13.22 -21.83 11.10
C THR A 198 -13.56 -21.95 12.58
N ALA A 199 -12.53 -22.12 13.39
CA ALA A 199 -12.68 -22.31 14.82
C ALA A 199 -13.15 -21.03 15.51
N THR A 200 -13.81 -21.23 16.64
CA THR A 200 -14.35 -20.14 17.43
C THR A 200 -14.18 -20.42 18.91
N ALA A 201 -14.55 -19.44 19.73
CA ALA A 201 -14.62 -19.64 21.17
C ALA A 201 -15.26 -20.99 21.45
N GLU A 202 -14.76 -21.70 22.45
CA GLU A 202 -15.18 -23.08 22.69
C GLU A 202 -16.70 -23.22 22.97
N GLY A 203 -17.27 -24.31 22.47
CA GLY A 203 -18.70 -24.55 22.52
C GLY A 203 -19.54 -23.75 21.51
N GLU A 204 -19.06 -22.57 21.11
CA GLU A 204 -19.76 -21.76 20.11
C GLU A 204 -19.80 -22.41 18.73
N LYS A 205 -20.70 -21.89 17.91
CA LYS A 205 -20.90 -22.35 16.54
C LYS A 205 -19.65 -22.03 15.72
N ASP A 206 -19.22 -22.94 14.86
CA ASP A 206 -18.12 -22.64 13.94
C ASP A 206 -18.57 -21.78 12.76
N LYS A 207 -17.67 -20.89 12.31
CA LYS A 207 -17.87 -20.09 11.12
C LYS A 207 -17.42 -20.93 9.95
N GLU A 208 -17.86 -20.55 8.78
CA GLU A 208 -17.63 -21.28 7.56
C GLU A 208 -17.21 -20.32 6.48
N ILE A 209 -16.01 -20.53 5.95
CA ILE A 209 -15.53 -19.79 4.79
C ILE A 209 -16.05 -20.52 3.56
N PRO A 210 -16.62 -19.80 2.59
CA PRO A 210 -17.04 -20.46 1.35
C PRO A 210 -15.98 -20.69 0.28
N GLY A 211 -16.00 -21.91 -0.23
CA GLY A 211 -15.29 -22.30 -1.44
C GLY A 211 -16.17 -22.14 -2.63
N ILE A 212 -15.83 -21.17 -3.48
CA ILE A 212 -16.71 -20.75 -4.54
C ILE A 212 -16.05 -20.93 -5.87
N LYS A 213 -16.87 -20.92 -6.91
CA LYS A 213 -16.40 -20.86 -8.27
C LYS A 213 -16.86 -19.55 -8.85
N LEU A 214 -16.01 -18.94 -9.66
CA LEU A 214 -16.31 -17.66 -10.18
C LEU A 214 -16.45 -17.68 -11.69
N PHE A 215 -17.46 -16.99 -12.20
CA PHE A 215 -17.73 -16.98 -13.63
C PHE A 215 -17.86 -15.56 -14.16
N ASP A 216 -17.21 -15.28 -15.28
CA ASP A 216 -17.35 -14.00 -15.99
C ASP A 216 -18.38 -14.26 -17.07
N VAL A 217 -19.64 -13.98 -16.75
CA VAL A 217 -20.76 -14.40 -17.57
C VAL A 217 -21.00 -13.39 -18.67
N THR A 218 -21.38 -13.87 -19.83
CA THR A 218 -21.78 -13.01 -20.93
C THR A 218 -22.80 -13.74 -21.80
N ASP A 219 -23.04 -13.21 -22.99
CA ASP A 219 -24.00 -13.79 -23.94
C ASP A 219 -23.44 -15.05 -24.61
N GLU A 220 -22.19 -14.98 -25.04
CA GLU A 220 -21.42 -16.17 -25.43
C GLU A 220 -21.56 -17.34 -24.45
N GLY A 221 -21.47 -17.04 -23.16
CA GLY A 221 -21.39 -18.09 -22.15
C GLY A 221 -20.55 -17.65 -20.99
N GLU A 222 -19.79 -18.58 -20.42
CA GLU A 222 -19.09 -18.33 -19.16
C GLU A 222 -17.61 -18.66 -19.16
N LEU A 223 -16.84 -17.74 -18.59
CA LEU A 223 -15.46 -18.00 -18.27
C LEU A 223 -15.42 -18.51 -16.85
N ASP A 224 -14.97 -19.74 -16.66
CA ASP A 224 -14.80 -20.31 -15.34
C ASP A 224 -13.38 -20.04 -14.86
N VAL A 225 -13.22 -19.16 -13.88
CA VAL A 225 -11.89 -18.63 -13.56
C VAL A 225 -10.93 -19.72 -13.11
N GLY A 226 -11.40 -20.59 -12.26
CA GLY A 226 -10.60 -21.73 -11.84
C GLY A 226 -10.31 -22.69 -12.98
N ALA A 227 -11.21 -22.82 -13.94
CA ALA A 227 -10.98 -23.79 -15.02
C ALA A 227 -9.90 -23.24 -15.95
N VAL A 228 -9.86 -21.93 -16.08
CA VAL A 228 -8.76 -21.30 -16.78
C VAL A 228 -7.42 -21.56 -16.12
N LEU A 229 -7.38 -21.54 -14.79
CA LEU A 229 -6.13 -21.74 -14.06
C LEU A 229 -5.63 -23.18 -14.24
N VAL A 230 -6.56 -24.12 -14.24
CA VAL A 230 -6.20 -25.52 -14.41
C VAL A 230 -5.64 -25.71 -15.81
N ALA A 231 -6.30 -25.14 -16.82
CA ALA A 231 -5.88 -25.35 -18.23
C ALA A 231 -4.51 -24.73 -18.52
N GLU A 232 -4.24 -23.57 -17.94
CA GLU A 232 -2.94 -22.92 -18.08
C GLU A 232 -1.88 -23.51 -17.16
N GLY A 233 -2.20 -24.62 -16.50
CA GLY A 233 -1.20 -25.33 -15.71
C GLY A 233 -0.86 -24.76 -14.35
N TRP A 234 -1.49 -23.66 -13.93
CA TRP A 234 -1.28 -23.12 -12.58
C TRP A 234 -1.90 -23.95 -11.44
N ALA A 235 -3.00 -24.64 -11.74
CA ALA A 235 -3.69 -25.44 -10.72
C ALA A 235 -3.95 -26.87 -11.21
N VAL A 236 -4.44 -27.76 -10.34
CA VAL A 236 -4.99 -29.05 -10.82
C VAL A 236 -6.38 -29.31 -10.28
N ALA B 19 32.31 0.73 -15.64
CA ALA B 19 31.54 1.05 -14.39
C ALA B 19 32.39 0.78 -13.15
N GLY B 20 32.36 1.70 -12.18
CA GLY B 20 33.13 1.61 -10.92
C GLY B 20 32.54 0.74 -9.81
N PRO B 21 33.15 0.77 -8.62
CA PRO B 21 32.88 -0.17 -7.52
C PRO B 21 31.48 -0.01 -6.92
N SER B 22 31.03 -1.06 -6.23
CA SER B 22 29.71 -1.08 -5.61
C SER B 22 29.77 -0.28 -4.31
N ILE B 23 28.62 0.24 -3.89
CA ILE B 23 28.51 1.11 -2.70
C ILE B 23 27.30 0.68 -1.88
N GLU B 24 27.15 1.25 -0.70
CA GLU B 24 26.11 0.85 0.23
C GLU B 24 24.95 1.87 0.18
N VAL B 25 23.73 1.38 0.01
CA VAL B 25 22.53 2.23 -0.17
C VAL B 25 21.32 1.79 0.66
N TYR B 26 20.41 2.74 0.89
CA TYR B 26 19.08 2.44 1.40
C TYR B 26 18.09 2.73 0.28
N VAL B 27 17.19 1.78 -0.04
CA VAL B 27 16.03 2.08 -0.88
C VAL B 27 15.00 2.82 -0.03
N SER B 28 14.80 4.11 -0.30
CA SER B 28 14.08 4.98 0.62
C SER B 28 12.62 5.15 0.23
N ALA B 29 12.35 5.05 -1.06
CA ALA B 29 11.00 5.05 -1.63
C ALA B 29 10.98 4.23 -2.90
N VAL B 30 9.80 3.70 -3.22
CA VAL B 30 9.60 2.86 -4.41
C VAL B 30 8.28 3.22 -5.07
N SER B 31 8.29 3.52 -6.36
CA SER B 31 7.05 3.56 -7.19
C SER B 31 6.97 2.21 -7.96
N SER B 32 8.03 1.92 -8.72
CA SER B 32 8.21 0.61 -9.37
C SER B 32 9.72 0.26 -9.41
N PRO B 33 10.03 -1.01 -9.78
CA PRO B 33 11.40 -1.37 -10.15
C PRO B 33 12.01 -0.47 -11.22
N SER B 34 11.17 0.10 -12.07
CA SER B 34 11.57 1.13 -13.00
C SER B 34 11.67 2.55 -12.44
N ARG B 35 11.28 2.75 -11.19
CA ARG B 35 11.31 4.12 -10.64
C ARG B 35 11.23 4.09 -9.11
N PHE B 36 12.40 3.96 -8.50
CA PHE B 36 12.54 3.99 -7.05
C PHE B 36 13.71 4.92 -6.68
N TRP B 37 13.95 5.10 -5.39
CA TRP B 37 14.87 6.12 -4.96
C TRP B 37 15.82 5.55 -3.93
N VAL B 38 17.07 5.99 -3.95
CA VAL B 38 17.97 5.50 -2.94
C VAL B 38 18.65 6.66 -2.22
N GLN B 39 19.19 6.32 -1.05
CA GLN B 39 19.97 7.22 -0.27
C GLN B 39 21.28 6.54 -0.07
N PHE B 40 22.37 7.32 -0.08
CA PHE B 40 23.70 6.78 0.05
C PHE B 40 24.08 6.66 1.53
N VAL B 41 24.49 5.45 1.92
CA VAL B 41 25.08 5.18 3.23
C VAL B 41 26.37 5.92 3.38
N GLY B 42 26.51 6.60 4.53
CA GLY B 42 27.63 7.47 4.81
C GLY B 42 27.19 8.54 5.79
N PRO B 43 27.93 9.65 5.89
CA PRO B 43 27.61 10.68 6.90
C PRO B 43 26.35 11.50 6.62
N GLN B 44 25.92 11.54 5.37
CA GLN B 44 24.69 12.23 4.98
C GLN B 44 23.44 11.69 5.66
N VAL B 45 23.47 10.41 6.04
CA VAL B 45 22.37 9.82 6.85
C VAL B 45 22.14 10.63 8.16
N ALA B 46 23.17 10.76 8.98
CA ALA B 46 23.12 11.61 10.17
C ALA B 46 22.73 13.05 9.88
N GLN B 47 23.28 13.64 8.81
CA GLN B 47 22.95 15.02 8.36
C GLN B 47 21.49 15.25 8.03
N LEU B 48 20.91 14.30 7.32
CA LEU B 48 19.46 14.29 7.08
C LEU B 48 18.72 14.18 8.44
N ASP B 49 19.06 13.20 9.30
CA ASP B 49 18.34 13.15 10.60
C ASP B 49 18.41 14.52 11.27
N ASP B 50 19.59 15.14 11.26
CA ASP B 50 19.76 16.42 11.91
C ASP B 50 18.84 17.43 11.32
N LEU B 51 18.85 17.50 9.99
CA LEU B 51 17.99 18.42 9.26
C LEU B 51 16.52 18.21 9.61
N VAL B 52 16.10 16.96 9.78
CA VAL B 52 14.70 16.68 10.01
C VAL B 52 14.29 17.11 11.40
N ALA B 53 15.10 16.68 12.38
CA ALA B 53 14.99 17.14 13.75
C ALA B 53 14.97 18.67 13.88
N HIS B 54 15.90 19.38 13.24
CA HIS B 54 15.91 20.82 13.38
C HIS B 54 14.62 21.46 12.74
N MET B 55 14.36 21.15 11.46
CA MET B 55 13.14 21.58 10.76
C MET B 55 11.85 21.30 11.56
N THR B 56 11.78 20.11 12.16
CA THR B 56 10.63 19.76 12.97
C THR B 56 10.56 20.60 14.23
N GLU B 57 11.68 20.84 14.90
CA GLU B 57 11.69 21.74 16.07
C GLU B 57 11.16 23.13 15.66
N TYR B 58 11.71 23.67 14.57
CA TYR B 58 11.33 24.99 14.06
C TYR B 58 9.81 25.10 13.66
N TYR B 59 9.42 24.43 12.59
CA TYR B 59 8.05 24.52 12.06
C TYR B 59 6.96 23.86 12.94
N SER B 60 7.36 23.14 13.99
CA SER B 60 6.37 22.68 14.97
C SER B 60 5.81 23.80 15.87
N LYS B 61 6.59 24.87 16.07
CA LYS B 61 6.13 26.06 16.77
C LYS B 61 5.20 26.90 15.83
N LYS B 62 3.96 27.19 16.28
CA LYS B 62 2.97 27.96 15.49
C LYS B 62 3.50 29.32 15.01
N GLU B 63 4.32 29.97 15.81
CA GLU B 63 4.88 31.30 15.49
C GLU B 63 5.80 31.27 14.27
N ASN B 64 6.53 30.16 14.10
CA ASN B 64 7.42 29.96 12.94
C ASN B 64 6.63 29.58 11.67
N ARG B 65 5.56 28.82 11.82
CA ARG B 65 4.69 28.53 10.70
C ARG B 65 4.14 29.84 10.17
N GLU B 66 3.68 30.71 11.07
CA GLU B 66 3.13 32.02 10.66
C GLU B 66 4.17 32.95 9.98
N ALA B 67 5.42 32.89 10.39
CA ALA B 67 6.50 33.67 9.74
C ALA B 67 6.92 33.13 8.37
N HIS B 68 6.30 32.04 7.95
CA HIS B 68 6.67 31.30 6.74
C HIS B 68 5.45 30.79 6.00
N THR B 69 4.39 31.58 6.10
CA THR B 69 3.13 31.28 5.45
C THR B 69 3.29 31.54 3.97
N LEU B 70 2.79 30.60 3.16
CA LEU B 70 2.81 30.78 1.72
C LEU B 70 1.64 31.68 1.30
N ARG B 71 1.93 32.83 0.72
CA ARG B 71 0.91 33.63 0.04
C ARG B 71 0.65 33.04 -1.35
N HIS B 72 1.70 32.56 -1.99
CA HIS B 72 1.57 31.95 -3.29
C HIS B 72 2.35 30.63 -3.34
N VAL B 73 1.78 29.63 -4.02
CA VAL B 73 2.49 28.40 -4.29
C VAL B 73 2.57 28.11 -5.79
N SER B 74 3.77 27.76 -6.24
CA SER B 74 4.09 27.48 -7.64
C SER B 74 4.51 26.03 -7.77
N VAL B 75 4.41 25.54 -9.00
CA VAL B 75 4.86 24.22 -9.33
C VAL B 75 6.36 24.39 -9.52
N GLY B 76 7.10 23.39 -9.03
CA GLY B 76 8.52 23.43 -8.97
C GLY B 76 9.04 24.04 -7.70
N GLN B 77 8.17 24.60 -6.88
CA GLN B 77 8.64 25.29 -5.69
C GLN B 77 9.11 24.28 -4.63
N VAL B 78 10.22 24.60 -3.94
CA VAL B 78 10.68 23.80 -2.80
C VAL B 78 10.09 24.39 -1.56
N VAL B 79 9.45 23.56 -0.73
CA VAL B 79 8.77 24.04 0.46
C VAL B 79 9.05 23.10 1.62
N ALA B 80 8.54 23.50 2.79
CA ALA B 80 8.46 22.63 3.95
C ALA B 80 7.07 21.99 4.08
N ALA B 81 7.06 20.68 4.28
CA ALA B 81 5.85 19.88 4.37
C ALA B 81 5.95 18.75 5.41
N VAL B 82 4.80 18.47 6.01
CA VAL B 82 4.65 17.36 6.90
C VAL B 82 4.41 16.10 6.08
N PHE B 83 5.04 15.03 6.55
CA PHE B 83 4.82 13.74 6.01
C PHE B 83 3.71 13.15 6.83
N ARG B 84 2.53 13.02 6.24
CA ARG B 84 1.31 12.70 6.96
C ARG B 84 1.52 11.57 7.95
N HIS B 85 2.57 10.78 7.71
CA HIS B 85 2.80 9.52 8.44
C HIS B 85 3.48 9.67 9.79
N ASP B 86 4.01 10.86 10.09
CA ASP B 86 4.84 11.06 11.29
C ASP B 86 4.72 12.40 12.04
N GLY B 87 4.13 13.41 11.42
CA GLY B 87 4.09 14.75 12.01
C GLY B 87 5.42 15.53 12.00
N ARG B 88 6.38 15.11 11.18
CA ARG B 88 7.62 15.87 11.08
C ARG B 88 7.73 16.69 9.78
N TRP B 89 8.71 17.57 9.73
CA TRP B 89 8.86 18.48 8.61
C TRP B 89 9.97 18.06 7.69
N TYR B 90 9.67 18.15 6.39
CA TYR B 90 10.59 17.72 5.35
C TYR B 90 10.68 18.75 4.22
N ARG B 91 11.76 18.66 3.45
CA ARG B 91 11.91 19.41 2.20
C ARG B 91 11.17 18.69 1.07
N ALA B 92 10.38 19.47 0.32
CA ALA B 92 9.46 18.89 -0.65
C ALA B 92 9.27 19.81 -1.83
N ARG B 93 9.06 19.23 -3.00
CA ARG B 93 8.88 20.01 -4.18
C ARG B 93 7.46 19.85 -4.61
N VAL B 94 6.78 20.98 -4.85
CA VAL B 94 5.42 20.95 -5.39
C VAL B 94 5.46 20.45 -6.84
N HIS B 95 5.01 19.25 -7.08
CA HIS B 95 4.91 18.67 -8.44
C HIS B 95 3.67 19.15 -9.16
N ASP B 96 2.57 19.26 -8.44
CA ASP B 96 1.27 19.46 -9.06
C ASP B 96 0.39 20.19 -8.07
N ILE B 97 -0.64 20.87 -8.58
CA ILE B 97 -1.74 21.41 -7.75
C ILE B 97 -3.06 20.89 -8.34
N ARG B 98 -3.95 20.40 -7.49
CA ARG B 98 -5.24 19.87 -7.94
C ARG B 98 -6.31 20.18 -6.88
N PRO B 99 -7.59 20.20 -7.25
CA PRO B 99 -8.58 20.47 -6.19
C PRO B 99 -8.73 19.30 -5.22
N ASN B 100 -8.92 19.61 -3.96
CA ASN B 100 -9.34 18.63 -2.99
C ASN B 100 -10.55 17.86 -3.53
N GLU B 101 -10.45 16.54 -3.52
CA GLU B 101 -11.51 15.67 -4.06
C GLU B 101 -12.90 15.96 -3.51
N PHE B 102 -13.02 16.15 -2.21
CA PHE B 102 -14.32 16.34 -1.54
C PHE B 102 -14.46 17.73 -0.93
N ASP B 103 -14.05 18.75 -1.67
CA ASP B 103 -14.18 20.14 -1.24
C ASP B 103 -13.59 21.01 -2.34
N SER B 104 -14.46 21.38 -3.28
CA SER B 104 -14.15 22.26 -4.41
C SER B 104 -13.43 23.55 -4.04
N SER B 105 -13.69 24.06 -2.83
CA SER B 105 -13.17 25.34 -2.37
C SER B 105 -11.69 25.35 -1.93
N GLN B 106 -11.10 24.18 -1.78
CA GLN B 106 -9.70 24.05 -1.37
C GLN B 106 -8.86 23.35 -2.46
N GLN B 107 -7.54 23.49 -2.38
CA GLN B 107 -6.64 22.69 -3.22
C GLN B 107 -5.74 21.78 -2.39
N VAL B 108 -5.31 20.68 -3.00
CA VAL B 108 -4.20 19.88 -2.47
C VAL B 108 -2.99 20.00 -3.40
N ALA B 109 -1.82 19.67 -2.86
CA ALA B 109 -0.62 19.76 -3.59
C ALA B 109 0.03 18.36 -3.62
N ASP B 110 0.20 17.76 -4.80
CA ASP B 110 1.03 16.57 -4.91
C ASP B 110 2.43 17.07 -4.66
N VAL B 111 3.06 16.60 -3.57
CA VAL B 111 4.41 17.02 -3.28
C VAL B 111 5.35 15.82 -3.26
N PHE B 112 6.59 16.12 -3.63
CA PHE B 112 7.64 15.17 -3.77
C PHE B 112 8.69 15.39 -2.70
N TYR B 113 8.76 14.46 -1.73
CA TYR B 113 9.73 14.56 -0.61
C TYR B 113 11.19 14.37 -1.08
N LEU B 114 11.92 15.47 -1.22
CA LEU B 114 13.19 15.47 -1.92
C LEU B 114 14.26 14.58 -1.33
N ASP B 115 14.13 14.24 -0.07
CA ASP B 115 15.20 13.53 0.60
C ASP B 115 14.94 12.05 0.68
N TYR B 116 13.74 11.61 0.27
CA TYR B 116 13.32 10.19 0.39
C TYR B 116 12.78 9.63 -0.91
N GLY B 117 11.92 10.42 -1.54
CA GLY B 117 11.42 10.12 -2.87
C GLY B 117 9.96 9.75 -2.92
N ASP B 118 9.25 9.76 -1.78
CA ASP B 118 7.78 9.55 -1.80
C ASP B 118 7.12 10.75 -2.38
N SER B 119 5.83 10.56 -2.68
CA SER B 119 4.95 11.64 -3.10
C SER B 119 3.63 11.50 -2.37
N GLU B 120 3.11 12.63 -1.85
CA GLU B 120 1.82 12.66 -1.16
C GLU B 120 1.06 13.93 -1.52
N TYR B 121 -0.27 13.85 -1.43
CA TYR B 121 -1.10 15.04 -1.53
C TYR B 121 -1.20 15.69 -0.17
N VAL B 122 -0.91 16.97 -0.12
CA VAL B 122 -1.03 17.69 1.12
C VAL B 122 -1.87 18.95 0.90
N ALA B 123 -2.79 19.24 1.81
CA ALA B 123 -3.51 20.50 1.77
C ALA B 123 -2.53 21.69 1.68
N THR B 124 -2.75 22.57 0.72
CA THR B 124 -1.85 23.69 0.47
C THR B 124 -1.68 24.64 1.65
N HIS B 125 -2.71 24.82 2.48
CA HIS B 125 -2.58 25.72 3.63
C HIS B 125 -1.55 25.14 4.66
N GLU B 126 -1.36 23.84 4.66
CA GLU B 126 -0.48 23.19 5.63
C GLU B 126 1.00 23.35 5.26
N LEU B 127 1.29 23.85 4.06
CA LEU B 127 2.66 24.05 3.63
C LEU B 127 3.22 25.36 4.17
N CYS B 128 4.54 25.41 4.27
CA CYS B 128 5.24 26.59 4.72
C CYS B 128 6.38 26.89 3.77
N GLU B 129 6.71 28.16 3.63
CA GLU B 129 7.95 28.53 2.98
C GLU B 129 9.14 27.82 3.64
N LEU B 130 10.03 27.29 2.83
CA LEU B 130 11.23 26.71 3.33
C LEU B 130 12.24 27.81 3.56
N ARG B 131 12.75 27.92 4.79
CA ARG B 131 13.79 28.91 5.10
C ARG B 131 15.08 28.64 4.30
N ALA B 132 15.75 29.70 3.87
CA ALA B 132 16.79 29.56 2.84
C ALA B 132 18.02 28.75 3.28
N ASP B 133 18.41 28.82 4.54
CA ASP B 133 19.59 28.06 4.96
C ASP B 133 19.31 26.54 4.92
N LEU B 134 18.04 26.17 4.90
CA LEU B 134 17.66 24.74 4.86
C LEU B 134 17.85 24.06 3.50
N LEU B 135 18.41 24.76 2.52
CA LEU B 135 18.77 24.15 1.24
C LEU B 135 20.20 23.70 1.16
N ARG B 136 21.05 24.08 2.12
CA ARG B 136 22.47 23.72 2.09
C ARG B 136 22.70 22.23 1.78
N LEU B 137 22.12 21.34 2.58
CA LEU B 137 22.28 19.90 2.36
C LEU B 137 21.68 19.46 1.03
N ARG B 138 22.43 18.60 0.37
CA ARG B 138 22.12 18.10 -0.95
C ARG B 138 20.85 17.29 -0.83
N PHE B 139 19.99 17.35 -1.85
CA PHE B 139 18.76 16.56 -1.85
C PHE B 139 19.17 15.09 -1.91
N GLN B 140 18.68 14.30 -0.94
CA GLN B 140 19.25 12.98 -0.66
C GLN B 140 18.73 11.79 -1.46
N ALA B 141 17.62 11.96 -2.17
CA ALA B 141 17.02 10.82 -2.89
C ALA B 141 17.41 10.82 -4.36
N MET B 142 18.03 9.74 -4.84
CA MET B 142 18.51 9.64 -6.23
CA MET B 142 18.48 9.67 -6.23
C MET B 142 17.60 8.67 -6.99
N GLU B 143 17.03 9.12 -8.11
CA GLU B 143 16.13 8.25 -8.87
C GLU B 143 16.95 7.18 -9.55
N CYS B 144 16.45 5.94 -9.54
CA CYS B 144 17.09 4.82 -10.23
C CYS B 144 16.01 3.96 -10.89
N PHE B 145 16.45 2.99 -11.70
CA PHE B 145 15.58 1.90 -12.16
C PHE B 145 16.37 0.65 -11.95
N LEU B 146 15.75 -0.52 -12.10
CA LEU B 146 16.43 -1.79 -11.84
C LEU B 146 16.98 -2.33 -13.14
N ALA B 147 18.25 -2.69 -13.15
CA ALA B 147 18.94 -2.97 -14.38
C ALA B 147 18.73 -4.41 -14.80
N GLY B 148 18.74 -4.61 -16.12
CA GLY B 148 18.72 -5.92 -16.73
C GLY B 148 17.42 -6.70 -16.58
N VAL B 149 16.32 -6.01 -16.26
CA VAL B 149 15.01 -6.65 -16.25
C VAL B 149 13.95 -5.74 -16.88
N ARG B 150 13.11 -6.35 -17.70
CA ARG B 150 11.92 -5.73 -18.20
C ARG B 150 10.77 -6.49 -17.54
N PRO B 151 9.61 -5.86 -17.35
CA PRO B 151 8.51 -6.61 -16.72
C PRO B 151 7.95 -7.73 -17.64
N ALA B 152 7.29 -8.72 -17.04
CA ALA B 152 6.45 -9.64 -17.79
C ALA B 152 5.13 -8.96 -18.24
N LYS B 167 4.67 -0.56 -17.35
CA LYS B 167 3.73 -0.92 -16.28
C LYS B 167 4.10 -2.27 -15.66
N TRP B 168 4.42 -2.26 -14.36
CA TRP B 168 4.65 -3.48 -13.60
C TRP B 168 3.34 -3.86 -13.00
N HIS B 169 3.15 -5.15 -12.72
CA HIS B 169 1.94 -5.56 -11.98
C HIS B 169 2.09 -5.11 -10.54
N PRO B 170 1.00 -4.63 -9.90
CA PRO B 170 1.06 -4.19 -8.48
C PRO B 170 1.58 -5.25 -7.50
N GLN B 171 1.55 -6.50 -7.91
CA GLN B 171 2.08 -7.55 -7.09
C GLN B 171 3.61 -7.71 -7.28
N ALA B 172 4.10 -7.42 -8.49
CA ALA B 172 5.54 -7.28 -8.78
C ALA B 172 6.11 -6.13 -7.97
N VAL B 173 5.42 -4.99 -7.99
CA VAL B 173 5.80 -3.83 -7.17
C VAL B 173 5.80 -4.17 -5.68
N GLU B 174 4.74 -4.79 -5.17
CA GLU B 174 4.72 -5.12 -3.74
C GLU B 174 5.87 -6.07 -3.42
N ARG B 175 6.23 -6.94 -4.34
CA ARG B 175 7.35 -7.89 -4.11
C ARG B 175 8.76 -7.23 -4.04
N PHE B 176 8.96 -6.23 -4.89
CA PHE B 176 10.18 -5.45 -4.92
C PHE B 176 10.32 -4.63 -3.66
N GLU B 177 9.22 -4.27 -3.01
CA GLU B 177 9.27 -3.53 -1.74
C GLU B 177 9.60 -4.44 -0.60
N GLU B 178 9.24 -5.70 -0.73
CA GLU B 178 9.59 -6.69 0.30
C GLU B 178 11.07 -7.00 0.19
N LEU B 179 11.54 -7.23 -1.05
CA LEU B 179 12.94 -7.57 -1.32
C LEU B 179 13.90 -6.44 -0.94
N THR B 180 13.53 -5.21 -1.27
CA THR B 180 14.39 -4.10 -0.91
C THR B 180 14.19 -3.58 0.51
N GLN B 181 13.13 -4.05 1.18
CA GLN B 181 12.72 -3.51 2.46
C GLN B 181 12.67 -1.98 2.46
N VAL B 182 12.02 -1.43 1.43
CA VAL B 182 11.87 0.02 1.25
C VAL B 182 11.50 0.71 2.58
N ALA B 183 12.23 1.76 2.90
CA ALA B 183 11.94 2.64 4.03
C ALA B 183 12.07 1.98 5.39
N ARG B 184 12.73 0.84 5.48
CA ARG B 184 12.95 0.21 6.77
C ARG B 184 14.44 0.10 7.08
N TRP B 185 15.24 0.95 6.42
CA TRP B 185 16.64 1.09 6.75
C TRP B 185 17.41 -0.24 6.68
N LYS B 186 17.16 -0.95 5.60
CA LYS B 186 17.90 -2.13 5.26
C LYS B 186 19.03 -1.72 4.28
N ALA B 187 20.26 -1.73 4.76
CA ALA B 187 21.41 -1.42 3.91
C ALA B 187 21.59 -2.51 2.84
N LEU B 188 21.69 -2.07 1.58
CA LEU B 188 21.85 -2.94 0.42
C LEU B 188 23.05 -2.52 -0.43
N VAL B 189 23.61 -3.48 -1.17
CA VAL B 189 24.76 -3.21 -2.03
C VAL B 189 24.23 -2.87 -3.42
N SER B 190 24.66 -1.71 -3.93
CA SER B 190 24.24 -1.17 -5.23
C SER B 190 25.44 -1.11 -6.15
N ARG B 191 25.20 -1.38 -7.43
CA ARG B 191 26.20 -1.40 -8.46
C ARG B 191 25.53 -0.87 -9.72
N THR B 192 26.07 0.19 -10.29
CA THR B 192 25.52 0.75 -11.51
C THR B 192 25.95 -0.05 -12.73
N CYS B 193 24.97 -0.46 -13.53
CA CYS B 193 25.20 -1.16 -14.78
C CYS B 193 24.83 -0.32 -15.99
N THR B 194 23.65 0.26 -15.98
CA THR B 194 23.15 0.90 -17.17
C THR B 194 22.78 2.35 -16.84
N TYR B 195 22.08 3.01 -17.75
CA TYR B 195 21.39 4.27 -17.43
C TYR B 195 20.45 4.63 -18.59
N LYS B 196 19.41 5.43 -18.31
CA LYS B 196 18.50 5.99 -19.34
C LYS B 196 18.85 7.46 -19.48
N LYS B 197 18.36 8.11 -20.53
CA LYS B 197 18.61 9.56 -20.72
C LYS B 197 17.32 10.32 -20.47
N GLU B 208 19.15 11.85 -17.27
CA GLU B 208 20.02 10.68 -17.05
C GLU B 208 19.77 10.01 -15.67
N ILE B 209 18.99 8.91 -15.69
CA ILE B 209 18.66 8.06 -14.52
C ILE B 209 19.53 6.77 -14.51
N PRO B 210 20.26 6.46 -13.41
CA PRO B 210 21.01 5.19 -13.44
C PRO B 210 20.17 3.91 -13.29
N GLY B 211 20.64 2.85 -13.93
CA GLY B 211 20.12 1.51 -13.77
C GLY B 211 21.12 0.81 -12.87
N ILE B 212 20.66 0.26 -11.76
CA ILE B 212 21.53 -0.32 -10.77
C ILE B 212 21.13 -1.75 -10.47
N LYS B 213 22.02 -2.52 -9.87
CA LYS B 213 21.67 -3.84 -9.35
C LYS B 213 21.83 -3.82 -7.84
N LEU B 214 20.89 -4.44 -7.12
CA LEU B 214 20.93 -4.48 -5.68
C LEU B 214 21.08 -5.88 -5.18
N PHE B 215 21.75 -5.97 -4.04
CA PHE B 215 22.16 -7.19 -3.42
C PHE B 215 21.98 -7.05 -1.93
N ASP B 216 21.24 -7.99 -1.36
CA ASP B 216 21.14 -8.12 0.06
C ASP B 216 22.16 -9.18 0.40
N VAL B 217 23.23 -8.74 1.02
CA VAL B 217 24.32 -9.60 1.40
C VAL B 217 24.01 -10.04 2.81
N THR B 218 24.37 -11.28 3.11
CA THR B 218 24.22 -11.81 4.47
C THR B 218 25.51 -12.57 4.79
N ASP B 219 25.41 -13.82 5.24
CA ASP B 219 26.57 -14.69 5.39
C ASP B 219 26.40 -15.86 4.42
N GLU B 220 25.31 -16.61 4.61
CA GLU B 220 24.99 -17.77 3.79
C GLU B 220 24.22 -17.36 2.52
N GLY B 221 24.94 -16.73 1.58
CA GLY B 221 24.37 -16.35 0.30
C GLY B 221 24.58 -14.89 0.02
N GLU B 222 23.90 -14.40 -1.01
CA GLU B 222 24.09 -13.04 -1.50
C GLU B 222 23.03 -12.76 -2.57
N LEU B 223 21.85 -12.38 -2.10
CA LEU B 223 20.65 -12.34 -2.93
C LEU B 223 20.60 -11.15 -3.93
N ASP B 224 20.35 -11.47 -5.19
CA ASP B 224 20.28 -10.52 -6.28
C ASP B 224 18.80 -10.17 -6.54
N VAL B 225 18.38 -8.97 -6.12
CA VAL B 225 16.96 -8.61 -6.15
C VAL B 225 16.33 -8.84 -7.56
N GLY B 226 16.96 -8.34 -8.62
CA GLY B 226 16.38 -8.45 -9.95
C GLY B 226 16.29 -9.89 -10.45
N ALA B 227 17.18 -10.74 -9.97
CA ALA B 227 17.22 -12.13 -10.42
C ALA B 227 16.09 -12.98 -9.80
N VAL B 228 15.72 -12.64 -8.56
CA VAL B 228 14.50 -13.15 -7.91
C VAL B 228 13.24 -12.76 -8.73
N LEU B 229 13.00 -11.47 -8.86
CA LEU B 229 11.93 -11.01 -9.74
C LEU B 229 11.82 -11.83 -11.04
N VAL B 230 12.96 -12.13 -11.65
CA VAL B 230 12.96 -12.96 -12.87
C VAL B 230 12.51 -14.37 -12.55
N ALA B 231 13.14 -14.95 -11.54
CA ALA B 231 12.89 -16.33 -11.12
C ALA B 231 11.41 -16.54 -10.78
N GLU B 232 10.79 -15.55 -10.12
CA GLU B 232 9.37 -15.56 -9.74
C GLU B 232 8.39 -15.12 -10.84
N GLY B 233 8.82 -15.02 -12.09
CA GLY B 233 7.94 -14.58 -13.22
C GLY B 233 7.60 -13.09 -13.37
N TRP B 234 7.96 -12.26 -12.37
CA TRP B 234 7.56 -10.83 -12.30
C TRP B 234 8.20 -10.01 -13.40
N ALA B 235 9.46 -10.36 -13.69
CA ALA B 235 10.20 -9.74 -14.77
C ALA B 235 10.76 -10.81 -15.68
N VAL B 236 11.31 -10.35 -16.80
CA VAL B 236 12.08 -11.22 -17.69
C VAL B 236 13.44 -10.56 -18.01
N ALA B 237 14.52 -11.35 -17.95
CA ALA B 237 15.87 -10.86 -18.19
C ALA B 237 16.11 -10.59 -19.67
N 2MR C . -9.94 3.12 -5.95
CA 2MR C . -8.86 3.35 -4.97
CB 2MR C . -8.95 2.27 -3.89
CG 2MR C . -10.36 2.09 -3.33
CD 2MR C . -10.21 1.50 -1.94
NE 2MR C . -9.64 0.18 -2.06
CZ 2MR C . -9.18 -0.45 -0.99
NH1 2MR C . -9.23 0.14 0.11
CQ1 2MR C . -8.79 -0.40 1.38
NH2 2MR C . -8.67 -1.68 -1.09
CQ2 2MR C . -8.55 -2.41 -2.34
C 2MR C . -7.44 3.33 -5.53
O 2MR C . -6.44 3.23 -4.79
OXT 2MR C . -7.22 3.42 -6.74
N 2MR D . 10.61 8.88 11.02
CA 2MR D . 10.39 7.72 10.12
CB 2MR D . 9.90 8.26 8.77
CG 2MR D . 11.05 8.91 8.00
CD 2MR D . 10.55 9.87 6.93
NE 2MR D . 10.33 9.14 5.71
CZ 2MR D . 9.83 9.69 4.60
NH1 2MR D . 9.53 10.89 4.56
CQ1 2MR D . 8.99 11.65 3.47
NH2 2MR D . 9.65 8.93 3.51
CQ2 2MR D . 9.98 7.51 3.51
C 2MR D . 11.62 6.83 9.96
O 2MR D . 12.72 7.27 9.60
OXT 2MR D . 11.60 5.60 10.18
#